data_2OKE
#
_entry.id   2OKE
#
_cell.length_a   120.460
_cell.length_b   120.460
_cell.length_c   50.100
_cell.angle_alpha   90.00
_cell.angle_beta   90.00
_cell.angle_gamma   120.00
#
_symmetry.space_group_name_H-M   'P 65'
#
loop_
_entity.id
_entity.type
_entity.pdbx_description
1 polymer "Deoxyuridine 5'-triphosphate nucleotidohydrolase"
2 non-polymer 'CHLORIDE ION'
3 non-polymer "2'-DEOXYURIDINE 5'-ALPHA,BETA-IMIDO-TRIPHOSPHATE"
4 non-polymer 'MAGNESIUM ION'
5 non-polymer 1,2-ETHANEDIOL
6 water water
#
_entity_poly.entity_id   1
_entity_poly.type   'polypeptide(L)'
_entity_poly.pdbx_seq_one_letter_code
;MFNMNINSPVRFVKETNRAKSPTRQSPGAAGYDLYSAYDYTIPPGERQLIKTDISMSMPKFCYGRIAPRSGLSLKGIDIG
GGVIDEDYRGNIGVILINNGKCTFNVNTGDRIAQLIYQRIYYPELEEVQSLDSTNRGDQGFGSTGLR
;
_entity_poly.pdbx_strand_id   A,B,C
#
loop_
_chem_comp.id
_chem_comp.type
_chem_comp.name
_chem_comp.formula
CL non-polymer 'CHLORIDE ION' 'Cl -1'
DUP non-polymer '2'-DEOXYURIDINE 5'-ALPHA,BETA-IMIDO-TRIPHOSPHATE' 'C9 H16 N3 O13 P3'
EDO non-polymer 1,2-ETHANEDIOL 'C2 H6 O2'
MG non-polymer 'MAGNESIUM ION' 'Mg 2'
#
# COMPACT_ATOMS: atom_id res chain seq x y z
N PRO A 9 0.03 -17.50 17.76
CA PRO A 9 -1.43 -17.39 17.69
C PRO A 9 -1.93 -16.00 18.11
N VAL A 10 -2.55 -15.28 17.17
CA VAL A 10 -3.00 -13.91 17.43
C VAL A 10 -4.38 -13.88 18.07
N ARG A 11 -4.42 -13.36 19.30
CA ARG A 11 -5.67 -13.20 20.05
C ARG A 11 -6.47 -12.00 19.56
N PHE A 12 -7.80 -12.14 19.51
CA PHE A 12 -8.67 -10.99 19.24
C PHE A 12 -9.86 -10.90 20.19
N VAL A 13 -10.48 -9.72 20.25
CA VAL A 13 -11.64 -9.47 21.12
C VAL A 13 -12.76 -8.77 20.34
N LYS A 14 -13.98 -9.31 20.44
CA LYS A 14 -15.17 -8.63 19.93
C LYS A 14 -15.66 -7.61 20.95
N GLU A 15 -15.81 -6.36 20.51
CA GLU A 15 -16.30 -5.28 21.38
C GLU A 15 -17.80 -5.38 21.56
N THR A 16 -18.48 -5.83 20.51
CA THR A 16 -19.93 -6.04 20.52
C THR A 16 -20.28 -7.29 19.72
N ASN A 17 -21.49 -7.81 19.95
CA ASN A 17 -22.02 -8.95 19.17
C ASN A 17 -22.34 -8.58 17.72
N ARG A 18 -21.99 -7.35 17.35
CA ARG A 18 -22.16 -6.83 16.00
C ARG A 18 -20.89 -7.06 15.17
N ALA A 19 -19.77 -7.29 15.87
CA ALA A 19 -18.49 -7.60 15.25
C ALA A 19 -18.47 -9.03 14.73
N LYS A 20 -17.74 -9.25 13.64
CA LYS A 20 -17.66 -10.55 13.01
C LYS A 20 -16.20 -10.99 12.94
N SER A 21 -15.94 -12.22 13.37
CA SER A 21 -14.60 -12.79 13.39
C SER A 21 -14.00 -12.78 11.99
N PRO A 22 -12.75 -12.27 11.86
CA PRO A 22 -12.06 -12.24 10.57
C PRO A 22 -11.82 -13.65 10.02
N THR A 23 -11.95 -13.81 8.70
CA THR A 23 -12.01 -15.13 8.09
C THR A 23 -10.92 -15.38 7.05
N ARG A 24 -10.63 -16.66 6.82
CA ARG A 24 -9.70 -17.10 5.78
C ARG A 24 -10.41 -18.02 4.79
N GLN A 25 -10.18 -17.76 3.51
CA GLN A 25 -10.81 -18.53 2.43
C GLN A 25 -9.98 -19.76 2.04
N SER A 26 -8.66 -19.58 1.90
CA SER A 26 -7.79 -20.64 1.40
C SER A 26 -6.36 -20.52 1.94
N PRO A 27 -5.55 -21.60 1.84
CA PRO A 27 -4.17 -21.60 2.32
C PRO A 27 -3.26 -20.54 1.70
N GLY A 28 -3.54 -20.16 0.46
CA GLY A 28 -2.74 -19.16 -0.23
C GLY A 28 -3.31 -17.76 -0.27
N ALA A 29 -4.41 -17.52 0.44
CA ALA A 29 -4.97 -16.17 0.57
C ALA A 29 -3.96 -15.23 1.19
N ALA A 30 -4.12 -13.94 0.95
CA ALA A 30 -3.18 -12.96 1.50
C ALA A 30 -3.42 -12.75 2.98
N GLY A 31 -4.66 -12.45 3.34
CA GLY A 31 -4.97 -12.11 4.73
C GLY A 31 -6.34 -12.53 5.18
N TYR A 32 -6.92 -11.72 6.07
CA TYR A 32 -8.18 -12.04 6.74
C TYR A 32 -9.26 -11.00 6.46
N ASP A 33 -10.46 -11.48 6.13
CA ASP A 33 -11.59 -10.62 5.78
C ASP A 33 -12.07 -9.80 6.97
N LEU A 34 -12.17 -8.49 6.77
CA LEU A 34 -12.73 -7.59 7.78
C LEU A 34 -14.15 -7.23 7.43
N TYR A 35 -15.01 -7.21 8.45
CA TYR A 35 -16.43 -7.00 8.25
C TYR A 35 -16.92 -5.76 8.99
N SER A 36 -17.89 -5.07 8.40
CA SER A 36 -18.49 -3.91 9.07
C SER A 36 -19.38 -4.33 10.22
N ALA A 37 -19.33 -3.57 11.32
CA ALA A 37 -20.18 -3.82 12.47
C ALA A 37 -21.38 -2.88 12.53
N TYR A 38 -21.42 -1.88 11.65
CA TYR A 38 -22.49 -0.88 11.60
C TYR A 38 -22.90 -0.52 10.17
N ASP A 39 -24.01 0.20 10.05
CA ASP A 39 -24.53 0.65 8.74
C ASP A 39 -24.02 2.05 8.40
N TYR A 40 -23.50 2.19 7.18
CA TYR A 40 -22.96 3.46 6.71
C TYR A 40 -23.48 3.80 5.32
N THR A 41 -23.53 5.10 5.02
CA THR A 41 -23.85 5.57 3.68
C THR A 41 -22.73 6.51 3.26
N ILE A 42 -21.95 6.10 2.27
CA ILE A 42 -20.82 6.91 1.79
C ILE A 42 -21.15 7.53 0.43
N PRO A 43 -21.32 8.87 0.39
CA PRO A 43 -21.65 9.57 -0.86
C PRO A 43 -20.41 9.75 -1.74
N PRO A 44 -20.60 9.96 -3.05
CA PRO A 44 -19.48 10.14 -3.98
C PRO A 44 -18.53 11.25 -3.55
N GLY A 45 -17.23 10.97 -3.56
CA GLY A 45 -16.22 11.94 -3.18
C GLY A 45 -15.94 12.00 -1.69
N GLU A 46 -16.56 11.10 -0.92
CA GLU A 46 -16.40 11.07 0.52
C GLU A 46 -15.73 9.81 1.03
N ARG A 47 -15.07 9.93 2.17
CA ARG A 47 -14.51 8.81 2.91
C ARG A 47 -15.21 8.65 4.26
N GLN A 48 -15.29 7.42 4.74
CA GLN A 48 -16.02 7.14 5.97
C GLN A 48 -15.29 6.08 6.78
N LEU A 49 -15.01 6.38 8.05
CA LEU A 49 -14.41 5.43 8.98
C LEU A 49 -15.41 4.32 9.31
N ILE A 50 -15.01 3.07 9.07
CA ILE A 50 -15.89 1.92 9.26
C ILE A 50 -15.43 1.04 10.42
N LYS A 51 -16.17 1.07 11.51
CA LYS A 51 -15.83 0.32 12.71
C LYS A 51 -16.11 -1.16 12.49
N THR A 52 -15.11 -1.99 12.70
CA THR A 52 -15.23 -3.44 12.63
C THR A 52 -15.60 -4.02 14.00
N ASP A 53 -15.32 -3.25 15.04
CA ASP A 53 -15.49 -3.66 16.45
C ASP A 53 -14.63 -4.87 16.80
N ILE A 54 -13.44 -4.90 16.23
CA ILE A 54 -12.49 -5.97 16.48
C ILE A 54 -11.20 -5.34 16.98
N SER A 55 -10.76 -5.81 18.14
CA SER A 55 -9.46 -5.45 18.67
C SER A 55 -8.63 -6.72 18.74
N MET A 56 -7.35 -6.61 18.38
CA MET A 56 -6.42 -7.74 18.47
C MET A 56 -5.03 -7.32 18.92
N SER A 57 -4.29 -8.28 19.45
CA SER A 57 -2.88 -8.07 19.79
C SER A 57 -2.05 -8.61 18.63
N MET A 58 -1.59 -7.68 17.79
CA MET A 58 -0.79 -7.97 16.62
C MET A 58 0.51 -8.71 16.95
N PRO A 59 0.97 -9.61 16.06
CA PRO A 59 2.20 -10.35 16.34
C PRO A 59 3.45 -9.51 16.18
N LYS A 60 4.53 -9.94 16.82
CA LYS A 60 5.79 -9.20 16.86
C LYS A 60 6.41 -8.98 15.47
N PHE A 61 7.11 -7.86 15.32
CA PHE A 61 7.89 -7.53 14.13
C PHE A 61 7.08 -7.49 12.82
N CYS A 62 5.81 -7.10 12.93
CA CYS A 62 4.97 -6.93 11.75
C CYS A 62 3.86 -5.90 11.97
N TYR A 63 3.09 -5.65 10.92
CA TYR A 63 1.90 -4.79 11.01
C TYR A 63 0.75 -5.31 10.14
N GLY A 64 -0.47 -5.05 10.59
CA GLY A 64 -1.64 -5.37 9.82
C GLY A 64 -1.92 -4.25 8.83
N ARG A 65 -2.09 -4.62 7.55
CA ARG A 65 -2.40 -3.66 6.51
C ARG A 65 -3.86 -3.82 6.10
N ILE A 66 -4.65 -2.77 6.24
CA ILE A 66 -6.01 -2.79 5.73
C ILE A 66 -5.90 -2.65 4.22
N ALA A 67 -6.17 -3.76 3.53
CA ALA A 67 -5.94 -3.88 2.10
C ALA A 67 -7.26 -4.00 1.35
N PRO A 68 -7.32 -3.41 0.15
CA PRO A 68 -8.54 -3.41 -0.64
C PRO A 68 -8.94 -4.80 -1.16
N ARG A 69 -10.24 -5.02 -1.26
CA ARG A 69 -10.79 -6.13 -2.03
C ARG A 69 -10.92 -5.64 -3.46
N SER A 70 -10.48 -6.46 -4.42
CA SER A 70 -10.49 -6.07 -5.84
C SER A 70 -11.89 -5.77 -6.35
N GLY A 71 -12.88 -6.56 -5.90
CA GLY A 71 -14.28 -6.39 -6.30
C GLY A 71 -14.75 -4.98 -6.04
N LEU A 72 -14.40 -4.45 -4.88
CA LEU A 72 -14.75 -3.09 -4.50
C LEU A 72 -13.87 -2.07 -5.21
N SER A 73 -12.56 -2.31 -5.21
CA SER A 73 -11.60 -1.48 -5.96
C SER A 73 -12.12 -1.09 -7.35
N LEU A 74 -12.64 -2.07 -8.08
CA LEU A 74 -13.15 -1.86 -9.43
C LEU A 74 -14.41 -1.00 -9.47
N LYS A 75 -15.20 -1.06 -8.40
CA LYS A 75 -16.40 -0.24 -8.26
C LYS A 75 -16.03 1.19 -7.90
N GLY A 76 -14.77 1.40 -7.51
CA GLY A 76 -14.25 2.73 -7.20
C GLY A 76 -13.99 2.96 -5.72
N ILE A 77 -13.96 1.88 -4.95
CA ILE A 77 -13.79 1.97 -3.50
C ILE A 77 -12.33 1.74 -3.09
N ASP A 78 -11.72 2.78 -2.53
CA ASP A 78 -10.31 2.75 -2.15
C ASP A 78 -10.11 2.75 -0.63
N ILE A 79 -8.94 2.29 -0.18
CA ILE A 79 -8.58 2.29 1.24
C ILE A 79 -7.75 3.52 1.61
N GLY A 80 -8.01 4.07 2.79
CA GLY A 80 -7.24 5.19 3.32
C GLY A 80 -6.58 4.76 4.61
N GLY A 81 -5.53 5.47 5.01
CA GLY A 81 -4.75 5.09 6.18
C GLY A 81 -4.36 3.63 6.06
N GLY A 82 -4.81 2.82 7.01
CA GLY A 82 -4.69 1.37 6.90
C GLY A 82 -3.49 0.70 7.55
N VAL A 83 -2.71 1.48 8.31
CA VAL A 83 -1.58 0.91 9.05
C VAL A 83 -2.01 0.58 10.47
N ILE A 84 -2.19 -0.71 10.74
CA ILE A 84 -2.45 -1.16 12.10
C ILE A 84 -1.12 -1.52 12.77
N ASP A 85 -0.74 -0.71 13.75
CA ASP A 85 0.51 -0.90 14.50
C ASP A 85 0.48 -2.15 15.36
N GLU A 86 1.67 -2.64 15.72
CA GLU A 86 1.84 -3.81 16.59
C GLU A 86 1.16 -3.61 17.94
N ASP A 87 1.33 -2.42 18.52
CA ASP A 87 0.79 -2.13 19.84
C ASP A 87 -0.59 -1.48 19.85
N TYR A 88 -1.24 -1.44 18.70
CA TYR A 88 -2.64 -1.00 18.65
C TYR A 88 -3.52 -2.05 19.32
N ARG A 89 -4.17 -1.63 20.40
CA ARG A 89 -5.07 -2.48 21.16
C ARG A 89 -6.48 -1.91 21.12
N GLY A 90 -6.77 -1.13 20.08
CA GLY A 90 -8.07 -0.48 19.93
C GLY A 90 -8.94 -1.09 18.84
N ASN A 91 -10.08 -0.46 18.58
CA ASN A 91 -11.00 -0.87 17.54
C ASN A 91 -10.38 -0.65 16.16
N ILE A 92 -10.30 -1.72 15.36
CA ILE A 92 -9.76 -1.62 14.01
C ILE A 92 -10.79 -0.96 13.09
N GLY A 93 -10.37 0.14 12.45
CA GLY A 93 -11.24 0.88 11.54
C GLY A 93 -10.72 0.92 10.13
N VAL A 94 -11.60 0.63 9.19
CA VAL A 94 -11.27 0.66 7.78
C VAL A 94 -11.76 1.98 7.19
N ILE A 95 -10.86 2.74 6.57
CA ILE A 95 -11.25 3.98 5.90
C ILE A 95 -11.63 3.65 4.45
N LEU A 96 -12.94 3.65 4.17
CA LEU A 96 -13.42 3.38 2.81
C LEU A 96 -13.66 4.69 2.06
N ILE A 97 -13.04 4.80 0.88
CA ILE A 97 -13.13 5.99 0.06
C ILE A 97 -14.01 5.72 -1.16
N ASN A 98 -15.11 6.45 -1.26
CA ASN A 98 -15.97 6.34 -2.43
C ASN A 98 -15.52 7.29 -3.54
N ASN A 99 -14.66 6.76 -4.41
CA ASN A 99 -14.22 7.49 -5.60
C ASN A 99 -15.03 7.08 -6.83
N GLY A 100 -16.07 6.27 -6.59
CA GLY A 100 -17.02 5.86 -7.63
C GLY A 100 -17.97 6.97 -8.04
N LYS A 101 -19.05 6.59 -8.71
CA LYS A 101 -20.00 7.56 -9.26
C LYS A 101 -21.30 7.64 -8.45
N CYS A 102 -21.78 6.48 -8.01
CA CYS A 102 -22.98 6.40 -7.18
C CYS A 102 -22.62 6.46 -5.70
N THR A 103 -23.65 6.39 -4.85
CA THR A 103 -23.47 6.32 -3.41
C THR A 103 -23.19 4.87 -3.02
N PHE A 104 -22.24 4.68 -2.12
CA PHE A 104 -21.88 3.34 -1.68
C PHE A 104 -22.48 3.01 -0.31
N ASN A 105 -23.21 1.91 -0.26
CA ASN A 105 -23.87 1.47 0.97
C ASN A 105 -23.11 0.35 1.67
N VAL A 106 -23.13 0.39 3.00
CA VAL A 106 -22.47 -0.61 3.82
C VAL A 106 -23.44 -1.15 4.88
N ASN A 107 -23.80 -2.41 4.76
CA ASN A 107 -24.66 -3.08 5.74
C ASN A 107 -23.84 -3.91 6.71
N THR A 108 -24.28 -3.96 7.96
CA THR A 108 -23.59 -4.76 8.98
C THR A 108 -23.39 -6.19 8.50
N GLY A 109 -22.13 -6.65 8.52
CA GLY A 109 -21.77 -7.99 8.08
C GLY A 109 -21.21 -8.02 6.67
N ASP A 110 -21.01 -6.84 6.09
CA ASP A 110 -20.47 -6.71 4.75
C ASP A 110 -18.94 -6.80 4.74
N ARG A 111 -18.42 -7.60 3.83
CA ARG A 111 -16.99 -7.78 3.64
C ARG A 111 -16.44 -6.51 3.01
N ILE A 112 -15.64 -5.79 3.79
CA ILE A 112 -15.21 -4.43 3.41
C ILE A 112 -13.74 -4.30 3.02
N ALA A 113 -12.90 -5.20 3.54
CA ALA A 113 -11.45 -5.21 3.28
C ALA A 113 -10.78 -6.51 3.73
N GLN A 114 -9.48 -6.61 3.52
CA GLN A 114 -8.69 -7.73 4.06
C GLN A 114 -7.48 -7.25 4.88
N LEU A 115 -7.19 -7.98 5.95
CA LEU A 115 -6.05 -7.65 6.81
C LEU A 115 -4.85 -8.52 6.46
N ILE A 116 -3.72 -7.90 6.14
CA ILE A 116 -2.47 -8.60 5.85
C ILE A 116 -1.40 -8.34 6.91
N TYR A 117 -0.87 -9.41 7.50
CA TYR A 117 0.22 -9.31 8.47
C TYR A 117 1.57 -9.25 7.78
N GLN A 118 2.01 -8.03 7.47
CA GLN A 118 3.22 -7.80 6.69
C GLN A 118 4.45 -7.79 7.58
N ARG A 119 5.42 -8.67 7.27
CA ARG A 119 6.68 -8.74 8.01
C ARG A 119 7.50 -7.46 7.81
N ILE A 120 7.99 -6.90 8.92
CA ILE A 120 8.75 -5.64 8.86
C ILE A 120 10.00 -5.66 9.75
N TYR A 121 10.81 -4.62 9.62
CA TYR A 121 12.02 -4.43 10.43
C TYR A 121 11.90 -3.23 11.37
N TYR A 122 12.58 -3.31 12.51
CA TYR A 122 12.78 -2.17 13.40
C TYR A 122 14.28 -1.93 13.62
N PRO A 123 14.97 -1.38 12.60
CA PRO A 123 16.40 -1.10 12.78
C PRO A 123 16.66 0.17 13.61
N GLU A 124 17.79 0.20 14.29
CA GLU A 124 18.26 1.44 14.90
C GLU A 124 18.84 2.30 13.78
N LEU A 125 18.55 3.60 13.83
CA LEU A 125 19.08 4.54 12.85
C LEU A 125 20.42 5.09 13.31
N GLU A 126 21.20 5.61 12.36
CA GLU A 126 22.50 6.20 12.65
C GLU A 126 22.85 7.27 11.62
N GLU A 127 22.81 8.54 12.04
CA GLU A 127 23.17 9.66 11.18
C GLU A 127 24.64 9.61 10.78
N VAL A 128 24.93 9.90 9.52
CA VAL A 128 26.30 9.89 8.99
C VAL A 128 26.58 11.06 8.04
N GLN A 129 27.82 11.15 7.56
CA GLN A 129 28.23 12.17 6.60
C GLN A 129 27.99 11.71 5.16
N SER A 130 28.69 10.63 4.77
CA SER A 130 28.57 10.06 3.43
C SER A 130 27.72 8.80 3.45
N LEU A 131 27.29 8.35 2.27
CA LEU A 131 26.57 7.08 2.14
C LEU A 131 27.29 6.06 1.25
N PRO B 9 13.06 -19.89 -7.11
CA PRO B 9 12.61 -19.61 -8.47
C PRO B 9 11.10 -19.42 -8.57
N VAL B 10 10.67 -18.30 -9.16
CA VAL B 10 9.24 -18.07 -9.36
C VAL B 10 8.85 -18.33 -10.82
N ARG B 11 7.99 -19.33 -10.99
CA ARG B 11 7.53 -19.76 -12.30
C ARG B 11 6.40 -18.85 -12.77
N PHE B 12 6.46 -18.45 -14.03
CA PHE B 12 5.43 -17.60 -14.63
C PHE B 12 5.11 -18.00 -16.08
N VAL B 13 3.88 -17.71 -16.50
CA VAL B 13 3.39 -18.09 -17.82
C VAL B 13 2.85 -16.87 -18.59
N LYS B 14 3.33 -16.70 -19.82
CA LYS B 14 2.71 -15.74 -20.74
C LYS B 14 1.49 -16.42 -21.35
N GLU B 15 0.30 -15.85 -21.13
CA GLU B 15 -0.93 -16.40 -21.71
C GLU B 15 -0.96 -16.20 -23.23
N THR B 16 -0.42 -15.07 -23.67
CA THR B 16 -0.31 -14.74 -25.10
C THR B 16 1.06 -14.11 -25.40
N ASN B 17 1.45 -14.09 -26.67
CA ASN B 17 2.74 -13.53 -27.07
C ASN B 17 2.82 -12.00 -26.98
N ARG B 18 1.79 -11.39 -26.38
CA ARG B 18 1.78 -9.94 -26.13
C ARG B 18 2.34 -9.62 -24.74
N ALA B 19 2.50 -10.65 -23.92
CA ALA B 19 3.04 -10.50 -22.59
C ALA B 19 4.57 -10.37 -22.59
N LYS B 20 5.07 -9.38 -21.85
CA LYS B 20 6.51 -9.20 -21.66
C LYS B 20 6.90 -9.71 -20.29
N SER B 21 8.00 -10.47 -20.23
CA SER B 21 8.53 -10.99 -18.97
C SER B 21 8.77 -9.85 -17.99
N PRO B 22 8.28 -9.99 -16.73
CA PRO B 22 8.55 -8.96 -15.72
C PRO B 22 10.05 -8.84 -15.48
N THR B 23 10.55 -7.62 -15.48
CA THR B 23 11.98 -7.36 -15.33
C THR B 23 12.29 -6.50 -14.11
N ARG B 24 13.50 -6.66 -13.56
CA ARG B 24 13.97 -5.76 -12.52
C ARG B 24 14.95 -4.72 -13.07
N GLN B 25 14.69 -3.46 -12.75
CA GLN B 25 15.52 -2.36 -13.24
C GLN B 25 16.97 -2.51 -12.75
N SER B 26 17.15 -2.76 -11.46
CA SER B 26 18.47 -2.82 -10.82
C SER B 26 18.53 -3.94 -9.77
N PRO B 27 19.76 -4.34 -9.35
CA PRO B 27 19.87 -5.40 -8.34
C PRO B 27 19.34 -5.03 -6.96
N GLY B 28 19.01 -3.75 -6.76
CA GLY B 28 18.48 -3.25 -5.50
C GLY B 28 17.07 -2.71 -5.58
N ALA B 29 16.44 -2.89 -6.74
CA ALA B 29 15.05 -2.49 -6.95
C ALA B 29 14.09 -3.34 -6.10
N ALA B 30 13.04 -2.70 -5.60
CA ALA B 30 12.05 -3.36 -4.75
C ALA B 30 11.15 -4.32 -5.51
N GLY B 31 10.82 -3.97 -6.76
CA GLY B 31 9.82 -4.70 -7.52
C GLY B 31 10.19 -5.03 -8.95
N TYR B 32 9.32 -5.83 -9.56
CA TYR B 32 9.52 -6.29 -10.92
C TYR B 32 8.53 -5.57 -11.82
N ASP B 33 9.05 -4.86 -12.80
CA ASP B 33 8.26 -4.09 -13.76
C ASP B 33 7.22 -4.97 -14.45
N LEU B 34 5.98 -4.51 -14.46
CA LEU B 34 4.88 -5.16 -15.15
C LEU B 34 4.51 -4.38 -16.40
N TYR B 35 4.14 -5.11 -17.44
CA TYR B 35 3.89 -4.51 -18.74
C TYR B 35 2.45 -4.77 -19.19
N SER B 36 1.89 -3.76 -19.85
CA SER B 36 0.56 -3.87 -20.42
C SER B 36 0.58 -4.73 -21.67
N ALA B 37 -0.34 -5.69 -21.75
CA ALA B 37 -0.43 -6.56 -22.93
C ALA B 37 -1.29 -5.97 -24.04
N TYR B 38 -2.08 -4.93 -23.72
CA TYR B 38 -2.98 -4.31 -24.70
C TYR B 38 -2.97 -2.79 -24.64
N ASP B 39 -3.72 -2.18 -25.54
CA ASP B 39 -3.81 -0.73 -25.63
C ASP B 39 -5.00 -0.25 -24.81
N TYR B 40 -4.75 0.72 -23.94
CA TYR B 40 -5.81 1.26 -23.08
C TYR B 40 -5.81 2.79 -23.09
N THR B 41 -6.98 3.36 -22.87
CA THR B 41 -7.14 4.81 -22.75
C THR B 41 -7.90 5.10 -21.46
N ILE B 42 -7.31 5.89 -20.58
CA ILE B 42 -7.90 6.14 -19.27
C ILE B 42 -8.20 7.63 -19.11
N PRO B 43 -9.49 8.01 -19.14
CA PRO B 43 -10.02 9.37 -18.90
C PRO B 43 -9.70 9.91 -17.50
N PRO B 44 -9.65 11.25 -17.34
CA PRO B 44 -9.35 11.82 -16.03
C PRO B 44 -10.48 11.56 -15.04
N GLY B 45 -10.15 10.96 -13.91
CA GLY B 45 -11.16 10.63 -12.90
C GLY B 45 -11.80 9.29 -13.16
N GLU B 46 -11.15 8.48 -14.00
CA GLU B 46 -11.56 7.11 -14.28
C GLU B 46 -10.46 6.11 -13.91
N ARG B 47 -10.82 4.82 -13.92
CA ARG B 47 -9.86 3.75 -13.63
C ARG B 47 -10.02 2.59 -14.60
N GLN B 48 -8.95 1.79 -14.76
CA GLN B 48 -8.95 0.73 -15.75
C GLN B 48 -8.11 -0.48 -15.36
N LEU B 49 -8.74 -1.65 -15.39
CA LEU B 49 -8.04 -2.91 -15.18
C LEU B 49 -7.21 -3.24 -16.41
N ILE B 50 -5.90 -3.27 -16.24
CA ILE B 50 -4.96 -3.55 -17.34
C ILE B 50 -4.45 -4.99 -17.25
N LYS B 51 -4.65 -5.77 -18.30
CA LYS B 51 -4.19 -7.15 -18.31
C LYS B 51 -2.73 -7.23 -18.74
N THR B 52 -1.97 -8.07 -18.04
CA THR B 52 -0.55 -8.25 -18.33
C THR B 52 -0.28 -9.50 -19.16
N ASP B 53 -1.30 -10.34 -19.29
CA ASP B 53 -1.16 -11.69 -19.87
C ASP B 53 -0.05 -12.52 -19.20
N ILE B 54 0.26 -12.18 -17.94
CA ILE B 54 1.19 -12.95 -17.10
C ILE B 54 0.42 -13.59 -15.94
N SER B 55 0.58 -14.90 -15.81
CA SER B 55 0.12 -15.61 -14.62
C SER B 55 1.36 -16.23 -13.97
N MET B 56 1.33 -16.36 -12.64
CA MET B 56 2.47 -16.92 -11.93
C MET B 56 2.12 -17.65 -10.64
N SER B 57 2.96 -18.62 -10.27
CA SER B 57 2.86 -19.28 -8.97
C SER B 57 3.79 -18.59 -7.99
N MET B 58 3.18 -17.85 -7.06
CA MET B 58 3.90 -17.01 -6.11
C MET B 58 4.71 -17.85 -5.12
N PRO B 59 5.75 -17.25 -4.50
CA PRO B 59 6.49 -18.03 -3.52
C PRO B 59 5.71 -18.10 -2.21
N LYS B 60 6.00 -19.11 -1.40
CA LYS B 60 5.29 -19.34 -0.13
C LYS B 60 5.54 -18.23 0.89
N PHE B 61 4.53 -17.98 1.72
CA PHE B 61 4.58 -17.01 2.82
C PHE B 61 4.80 -15.56 2.40
N CYS B 62 4.21 -15.19 1.26
CA CYS B 62 4.31 -13.83 0.75
C CYS B 62 3.10 -13.49 -0.12
N TYR B 63 3.13 -12.30 -0.72
CA TYR B 63 2.15 -11.92 -1.75
C TYR B 63 2.72 -10.84 -2.64
N GLY B 64 2.15 -10.71 -3.82
CA GLY B 64 2.58 -9.72 -4.78
C GLY B 64 1.76 -8.46 -4.60
N ARG B 65 2.41 -7.40 -4.15
CA ARG B 65 1.81 -6.09 -4.10
C ARG B 65 2.11 -5.42 -5.43
N ILE B 66 1.05 -5.09 -6.17
CA ILE B 66 1.21 -4.26 -7.34
C ILE B 66 1.36 -2.82 -6.87
N ALA B 67 2.59 -2.31 -7.00
CA ALA B 67 2.96 -0.99 -6.50
C ALA B 67 3.13 0.01 -7.64
N PRO B 68 3.07 1.32 -7.35
CA PRO B 68 3.14 2.31 -8.43
C PRO B 68 4.56 2.71 -8.81
N ARG B 69 4.78 2.91 -10.11
CA ARG B 69 5.99 3.56 -10.61
C ARG B 69 5.89 5.03 -10.24
N SER B 70 6.97 5.57 -9.68
CA SER B 70 6.96 6.94 -9.12
C SER B 70 6.66 8.05 -10.14
N GLY B 71 7.21 7.89 -11.35
CA GLY B 71 6.96 8.83 -12.43
C GLY B 71 5.50 8.93 -12.81
N LEU B 72 4.83 7.79 -12.89
CA LEU B 72 3.39 7.76 -13.19
C LEU B 72 2.57 8.41 -12.07
N SER B 73 3.02 8.22 -10.83
CA SER B 73 2.37 8.78 -9.65
C SER B 73 2.44 10.31 -9.60
N LEU B 74 3.45 10.89 -10.22
CA LEU B 74 3.58 12.35 -10.31
C LEU B 74 2.75 12.91 -11.46
N LYS B 75 2.38 12.04 -12.39
CA LYS B 75 1.46 12.39 -13.48
C LYS B 75 0.02 12.21 -13.02
N GLY B 76 -0.16 11.75 -11.79
CA GLY B 76 -1.47 11.58 -11.17
C GLY B 76 -2.02 10.17 -11.22
N ILE B 77 -1.20 9.21 -11.61
CA ILE B 77 -1.66 7.83 -11.77
C ILE B 77 -1.40 7.02 -10.51
N ASP B 78 -2.46 6.46 -9.94
CA ASP B 78 -2.37 5.66 -8.73
C ASP B 78 -2.76 4.21 -9.01
N ILE B 79 -2.64 3.36 -7.99
CA ILE B 79 -2.96 1.94 -8.11
C ILE B 79 -4.19 1.60 -7.26
N GLY B 80 -5.12 0.85 -7.86
CA GLY B 80 -6.24 0.29 -7.12
C GLY B 80 -6.03 -1.19 -6.89
N GLY B 81 -6.67 -1.74 -5.86
CA GLY B 81 -6.47 -3.15 -5.48
C GLY B 81 -5.00 -3.47 -5.32
N GLY B 82 -4.53 -4.48 -6.03
CA GLY B 82 -3.09 -4.77 -6.11
C GLY B 82 -2.62 -5.91 -5.23
N VAL B 83 -3.57 -6.64 -4.66
CA VAL B 83 -3.25 -7.81 -3.86
C VAL B 83 -3.27 -9.06 -4.73
N ILE B 84 -2.09 -9.58 -5.02
CA ILE B 84 -1.96 -10.85 -5.72
C ILE B 84 -1.66 -11.94 -4.70
N ASP B 85 -2.63 -12.80 -4.46
CA ASP B 85 -2.53 -13.86 -3.49
C ASP B 85 -1.52 -14.93 -3.91
N GLU B 86 -1.05 -15.68 -2.93
CA GLU B 86 -0.09 -16.75 -3.12
C GLU B 86 -0.67 -17.88 -3.96
N ASP B 87 -2.00 -18.05 -3.90
CA ASP B 87 -2.66 -19.11 -4.66
C ASP B 87 -3.39 -18.63 -5.91
N TYR B 88 -3.21 -17.36 -6.25
CA TYR B 88 -3.76 -16.83 -7.49
C TYR B 88 -2.94 -17.31 -8.70
N ARG B 89 -3.61 -18.07 -9.57
CA ARG B 89 -2.98 -18.66 -10.75
C ARG B 89 -3.46 -18.03 -12.07
N GLY B 90 -4.22 -16.94 -11.97
CA GLY B 90 -4.82 -16.32 -13.14
C GLY B 90 -4.03 -15.14 -13.70
N ASN B 91 -4.62 -14.47 -14.68
CA ASN B 91 -4.06 -13.27 -15.31
C ASN B 91 -3.96 -12.12 -14.30
N ILE B 92 -2.79 -11.49 -14.24
CA ILE B 92 -2.54 -10.44 -13.27
C ILE B 92 -2.93 -9.09 -13.84
N GLY B 93 -3.96 -8.47 -13.25
CA GLY B 93 -4.44 -7.17 -13.68
C GLY B 93 -3.90 -6.03 -12.85
N VAL B 94 -3.51 -4.95 -13.52
CA VAL B 94 -3.10 -3.73 -12.83
C VAL B 94 -4.25 -2.73 -12.90
N ILE B 95 -4.80 -2.38 -11.74
CA ILE B 95 -5.85 -1.36 -11.69
C ILE B 95 -5.20 0.02 -11.66
N LEU B 96 -5.22 0.68 -12.81
CA LEU B 96 -4.71 2.04 -12.92
C LEU B 96 -5.84 3.04 -12.72
N ILE B 97 -5.61 4.02 -11.86
CA ILE B 97 -6.56 5.10 -11.62
C ILE B 97 -5.98 6.40 -12.14
N ASN B 98 -6.65 7.01 -13.12
CA ASN B 98 -6.21 8.29 -13.65
C ASN B 98 -6.72 9.46 -12.82
N ASN B 99 -5.92 9.88 -11.85
CA ASN B 99 -6.26 11.03 -11.00
C ASN B 99 -5.58 12.33 -11.48
N GLY B 100 -5.05 12.29 -12.71
CA GLY B 100 -4.47 13.47 -13.35
C GLY B 100 -5.50 14.34 -14.05
N LYS B 101 -5.01 15.32 -14.81
CA LYS B 101 -5.87 16.28 -15.51
C LYS B 101 -6.13 15.86 -16.95
N CYS B 102 -5.33 14.92 -17.45
CA CYS B 102 -5.38 14.53 -18.85
C CYS B 102 -5.53 13.04 -19.09
N THR B 103 -6.18 12.71 -20.20
CA THR B 103 -6.30 11.33 -20.68
C THR B 103 -4.94 10.64 -20.65
N PHE B 104 -4.90 9.43 -20.13
CA PHE B 104 -3.66 8.68 -20.05
C PHE B 104 -3.64 7.54 -21.04
N ASN B 105 -2.65 7.56 -21.93
CA ASN B 105 -2.49 6.54 -22.97
C ASN B 105 -1.62 5.39 -22.51
N VAL B 106 -2.14 4.17 -22.72
CA VAL B 106 -1.39 2.96 -22.47
C VAL B 106 -1.17 2.24 -23.81
N ASN B 107 0.08 2.05 -24.18
CA ASN B 107 0.44 1.22 -25.33
C ASN B 107 0.90 -0.16 -24.89
N THR B 108 0.63 -1.16 -25.74
CA THR B 108 1.12 -2.52 -25.52
C THR B 108 2.62 -2.47 -25.26
N GLY B 109 3.04 -2.95 -24.09
CA GLY B 109 4.45 -2.95 -23.72
C GLY B 109 4.88 -1.83 -22.77
N ASP B 110 3.94 -0.98 -22.36
CA ASP B 110 4.24 0.12 -21.44
C ASP B 110 4.43 -0.39 -20.02
N ARG B 111 5.46 0.12 -19.35
CA ARG B 111 5.66 -0.15 -17.93
C ARG B 111 4.55 0.54 -17.14
N ILE B 112 3.73 -0.24 -16.45
CA ILE B 112 2.50 0.27 -15.83
C ILE B 112 2.51 0.21 -14.30
N ALA B 113 3.27 -0.72 -13.74
CA ALA B 113 3.39 -0.86 -12.29
C ALA B 113 4.63 -1.67 -11.95
N GLN B 114 4.80 -2.00 -10.66
CA GLN B 114 5.83 -2.93 -10.24
C GLN B 114 5.25 -3.96 -9.28
N LEU B 115 5.64 -5.21 -9.47
CA LEU B 115 5.22 -6.29 -8.58
C LEU B 115 6.28 -6.49 -7.52
N ILE B 116 5.91 -6.25 -6.27
CA ILE B 116 6.78 -6.46 -5.11
C ILE B 116 6.33 -7.70 -4.33
N TYR B 117 7.22 -8.67 -4.18
CA TYR B 117 6.92 -9.86 -3.41
C TYR B 117 7.14 -9.58 -1.94
N GLN B 118 6.05 -9.31 -1.22
CA GLN B 118 6.13 -8.91 0.18
C GLN B 118 5.91 -10.08 1.12
N ARG B 119 6.90 -10.34 1.97
CA ARG B 119 6.83 -11.40 2.98
C ARG B 119 5.77 -11.11 4.04
N ILE B 120 4.96 -12.12 4.34
CA ILE B 120 3.84 -11.99 5.29
C ILE B 120 3.69 -13.19 6.23
N TYR B 121 2.98 -12.98 7.33
CA TYR B 121 2.65 -14.06 8.26
C TYR B 121 1.22 -14.53 8.08
N TYR B 122 1.00 -15.83 8.25
CA TYR B 122 -0.34 -16.43 8.31
C TYR B 122 -0.63 -16.96 9.72
N PRO B 123 -0.96 -16.07 10.67
CA PRO B 123 -1.15 -16.56 12.04
C PRO B 123 -2.54 -17.11 12.31
N GLU B 124 -2.64 -18.07 13.22
CA GLU B 124 -3.92 -18.52 13.73
C GLU B 124 -4.62 -17.39 14.46
N LEU B 125 -5.94 -17.34 14.34
CA LEU B 125 -6.74 -16.40 15.12
C LEU B 125 -7.55 -17.12 16.20
N GLU B 126 -7.47 -16.59 17.42
CA GLU B 126 -8.19 -17.16 18.56
C GLU B 126 -8.98 -16.06 19.27
N GLU B 127 -10.29 -16.26 19.39
CA GLU B 127 -11.15 -15.28 20.06
C GLU B 127 -11.01 -15.37 21.58
N VAL B 128 -10.71 -14.24 22.22
CA VAL B 128 -10.70 -14.13 23.68
C VAL B 128 -11.66 -13.01 24.11
N GLN B 129 -11.69 -12.72 25.41
CA GLN B 129 -12.57 -11.68 25.96
C GLN B 129 -11.81 -10.42 26.38
N SER B 130 -10.53 -10.61 26.72
CA SER B 130 -9.64 -9.49 27.06
C SER B 130 -8.23 -9.76 26.58
N LEU B 131 -7.57 -8.72 26.11
CA LEU B 131 -6.20 -8.82 25.60
C LEU B 131 -5.17 -8.57 26.71
N PRO C 9 21.88 -1.86 11.27
CA PRO C 9 21.70 -0.44 11.57
C PRO C 9 21.62 0.43 10.32
N VAL C 10 20.49 1.10 10.13
CA VAL C 10 20.25 1.95 8.95
C VAL C 10 20.94 3.32 9.07
N ARG C 11 21.84 3.59 8.12
CA ARG C 11 22.57 4.85 8.07
C ARG C 11 21.81 5.86 7.22
N PHE C 12 21.71 7.09 7.73
CA PHE C 12 21.05 8.16 6.98
C PHE C 12 21.85 9.47 7.01
N VAL C 13 21.59 10.31 6.01
CA VAL C 13 22.24 11.62 5.90
C VAL C 13 21.20 12.74 5.94
N LYS C 14 21.50 13.79 6.69
CA LYS C 14 20.73 15.02 6.63
C LYS C 14 21.36 15.91 5.56
N GLU C 15 20.72 15.96 4.40
CA GLU C 15 21.24 16.73 3.26
C GLU C 15 21.37 18.22 3.59
N THR C 16 20.42 18.72 4.38
CA THR C 16 20.43 20.11 4.85
C THR C 16 19.98 20.15 6.30
N ASN C 17 20.32 21.21 7.02
CA ASN C 17 19.95 21.34 8.43
C ASN C 17 18.45 21.20 8.69
N ARG C 18 17.65 21.44 7.65
CA ARG C 18 16.19 21.37 7.73
C ARG C 18 15.65 19.94 7.80
N ALA C 19 16.51 18.97 7.48
CA ALA C 19 16.18 17.56 7.61
C ALA C 19 16.08 17.16 9.08
N LYS C 20 15.08 16.34 9.40
CA LYS C 20 14.86 15.82 10.75
C LYS C 20 14.89 14.30 10.75
N SER C 21 15.72 13.75 11.65
CA SER C 21 15.86 12.29 11.79
C SER C 21 14.50 11.60 11.93
N PRO C 22 14.27 10.54 11.13
CA PRO C 22 13.06 9.75 11.29
C PRO C 22 13.05 9.08 12.66
N THR C 23 11.87 9.08 13.29
CA THR C 23 11.73 8.55 14.64
C THR C 23 10.45 7.72 14.75
N ARG C 24 10.50 6.69 15.58
CA ARG C 24 9.32 5.89 15.89
C ARG C 24 8.67 6.41 17.16
N GLN C 25 7.33 6.45 17.16
CA GLN C 25 6.55 6.88 18.32
C GLN C 25 6.81 5.94 19.49
N SER C 26 6.66 4.65 19.23
CA SER C 26 6.71 3.61 20.24
C SER C 26 7.52 2.39 19.76
N PRO C 27 7.87 1.47 20.68
CA PRO C 27 8.52 0.21 20.29
C PRO C 27 7.63 -0.72 19.45
N GLY C 28 6.33 -0.42 19.37
CA GLY C 28 5.40 -1.21 18.57
C GLY C 28 4.80 -0.43 17.41
N ALA C 29 5.45 0.68 17.04
CA ALA C 29 5.03 1.47 15.90
C ALA C 29 5.69 0.94 14.63
N ALA C 30 4.87 0.66 13.62
CA ALA C 30 5.32 0.08 12.36
C ALA C 30 6.25 1.00 11.57
N GLY C 31 6.01 2.30 11.67
CA GLY C 31 6.69 3.26 10.81
C GLY C 31 7.51 4.32 11.50
N TYR C 32 8.51 4.81 10.78
CA TYR C 32 9.32 5.94 11.23
C TYR C 32 8.76 7.22 10.63
N ASP C 33 8.63 8.25 11.46
CA ASP C 33 8.02 9.50 11.06
C ASP C 33 8.88 10.28 10.08
N LEU C 34 8.26 10.65 8.97
CA LEU C 34 8.90 11.50 7.98
C LEU C 34 8.39 12.92 8.18
N TYR C 35 9.29 13.89 8.08
CA TYR C 35 8.97 15.28 8.34
C TYR C 35 9.23 16.10 7.09
N SER C 36 8.42 17.15 6.91
CA SER C 36 8.62 18.07 5.80
C SER C 36 9.80 18.98 6.11
N ALA C 37 10.68 19.16 5.14
CA ALA C 37 11.82 20.06 5.31
C ALA C 37 11.53 21.45 4.73
N TYR C 38 10.39 21.59 4.06
CA TYR C 38 10.02 22.87 3.42
C TYR C 38 8.54 23.19 3.57
N ASP C 39 8.15 24.37 3.09
CA ASP C 39 6.80 24.86 3.25
C ASP C 39 6.01 24.78 1.95
N TYR C 40 4.85 24.14 2.01
CA TYR C 40 4.06 23.84 0.81
C TYR C 40 2.58 24.23 0.96
N THR C 41 1.98 24.59 -0.17
CA THR C 41 0.55 24.88 -0.27
C THR C 41 -0.04 23.94 -1.33
N ILE C 42 -0.98 23.09 -0.90
CA ILE C 42 -1.60 22.13 -1.80
C ILE C 42 -3.12 22.34 -1.87
N PRO C 43 -3.63 22.81 -3.02
CA PRO C 43 -5.06 23.04 -3.20
C PRO C 43 -5.82 21.73 -3.35
N PRO C 44 -7.15 21.75 -3.14
CA PRO C 44 -8.02 20.59 -3.40
C PRO C 44 -7.76 19.97 -4.77
N GLY C 45 -7.86 18.64 -4.86
CA GLY C 45 -7.69 17.90 -6.11
C GLY C 45 -6.35 18.08 -6.81
N GLU C 46 -5.29 18.23 -6.01
CA GLU C 46 -3.93 18.41 -6.51
C GLU C 46 -2.97 17.58 -5.67
N ARG C 47 -1.79 17.29 -6.20
CA ARG C 47 -0.76 16.63 -5.41
C ARG C 47 0.56 17.42 -5.39
N GLN C 48 1.45 17.04 -4.47
CA GLN C 48 2.70 17.76 -4.28
C GLN C 48 3.78 16.81 -3.77
N LEU C 49 4.95 16.88 -4.39
CA LEU C 49 6.12 16.16 -3.90
C LEU C 49 6.74 16.96 -2.75
N ILE C 50 6.84 16.33 -1.59
CA ILE C 50 7.41 16.96 -0.41
C ILE C 50 8.80 16.40 -0.18
N LYS C 51 9.79 17.28 -0.01
CA LYS C 51 11.18 16.86 0.21
C LYS C 51 11.49 16.70 1.69
N THR C 52 12.07 15.56 2.05
CA THR C 52 12.45 15.30 3.44
C THR C 52 13.91 15.71 3.73
N ASP C 53 14.71 15.82 2.66
CA ASP C 53 16.14 16.11 2.77
C ASP C 53 16.90 15.01 3.53
N ILE C 54 16.29 13.83 3.57
CA ILE C 54 16.90 12.63 4.14
C ILE C 54 17.18 11.65 3.01
N SER C 55 18.32 10.97 3.12
CA SER C 55 18.65 9.84 2.24
C SER C 55 19.21 8.75 3.14
N MET C 56 19.04 7.49 2.72
CA MET C 56 19.46 6.37 3.57
C MET C 56 19.80 5.10 2.80
N SER C 57 20.70 4.29 3.37
CA SER C 57 20.96 2.96 2.84
C SER C 57 20.08 1.96 3.55
N MET C 58 19.13 1.41 2.81
CA MET C 58 18.06 0.57 3.36
C MET C 58 18.65 -0.78 3.77
N PRO C 59 17.94 -1.51 4.66
CA PRO C 59 18.40 -2.85 5.00
C PRO C 59 18.23 -3.79 3.81
N LYS C 60 19.13 -4.76 3.66
CA LYS C 60 19.08 -5.72 2.57
C LYS C 60 17.85 -6.62 2.66
N PHE C 61 17.39 -7.08 1.49
CA PHE C 61 16.12 -7.81 1.32
C PHE C 61 14.93 -7.08 1.96
N CYS C 62 14.84 -5.78 1.69
CA CYS C 62 13.70 -4.96 2.12
C CYS C 62 13.58 -3.65 1.31
N TYR C 63 12.47 -2.94 1.51
CA TYR C 63 12.24 -1.63 0.89
C TYR C 63 11.47 -0.72 1.85
N GLY C 64 11.44 0.57 1.54
CA GLY C 64 10.73 1.54 2.38
C GLY C 64 9.41 1.93 1.78
N ARG C 65 8.34 1.63 2.50
CA ARG C 65 7.01 2.04 2.07
C ARG C 65 6.68 3.37 2.72
N ILE C 66 6.38 4.36 1.89
CA ILE C 66 5.85 5.61 2.39
C ILE C 66 4.35 5.42 2.57
N ALA C 67 3.96 5.27 3.83
CA ALA C 67 2.59 4.99 4.23
C ALA C 67 1.93 6.25 4.82
N PRO C 68 0.59 6.34 4.74
CA PRO C 68 -0.12 7.50 5.29
C PRO C 68 -0.29 7.50 6.80
N ARG C 69 -0.27 8.69 7.38
CA ARG C 69 -0.75 8.91 8.74
C ARG C 69 -2.26 8.79 8.76
N SER C 70 -2.80 8.20 9.82
CA SER C 70 -4.25 8.05 9.95
C SER C 70 -4.96 9.38 10.10
N GLY C 71 -4.32 10.32 10.78
CA GLY C 71 -4.84 11.67 10.95
C GLY C 71 -5.13 12.36 9.63
N LEU C 72 -4.12 12.45 8.78
CA LEU C 72 -4.24 13.11 7.48
C LEU C 72 -5.18 12.36 6.54
N SER C 73 -5.21 11.03 6.66
CA SER C 73 -6.09 10.19 5.84
C SER C 73 -7.57 10.52 6.02
N LEU C 74 -7.98 10.78 7.26
CA LEU C 74 -9.37 11.15 7.55
C LEU C 74 -9.74 12.52 6.99
N LYS C 75 -8.75 13.41 6.92
CA LYS C 75 -8.92 14.72 6.31
C LYS C 75 -8.82 14.69 4.77
N GLY C 76 -8.72 13.49 4.20
CA GLY C 76 -8.71 13.32 2.75
C GLY C 76 -7.35 13.45 2.09
N ILE C 77 -6.28 13.31 2.87
CA ILE C 77 -4.92 13.38 2.34
C ILE C 77 -4.37 11.96 2.15
N ASP C 78 -3.98 11.65 0.91
CA ASP C 78 -3.52 10.32 0.55
C ASP C 78 -2.05 10.36 0.10
N ILE C 79 -1.47 9.20 -0.18
CA ILE C 79 -0.05 9.11 -0.52
C ILE C 79 0.15 8.44 -1.87
N GLY C 80 0.92 9.09 -2.74
CA GLY C 80 1.27 8.56 -4.05
C GLY C 80 2.62 7.87 -4.05
N GLY C 81 2.90 7.12 -5.10
CA GLY C 81 4.13 6.34 -5.23
C GLY C 81 4.43 5.53 -3.98
N GLY C 82 5.47 5.94 -3.26
CA GLY C 82 5.76 5.40 -1.94
C GLY C 82 6.73 4.25 -1.88
N VAL C 83 7.35 3.90 -3.01
CA VAL C 83 8.30 2.80 -3.04
C VAL C 83 9.74 3.34 -2.99
N ILE C 84 10.39 3.14 -1.85
CA ILE C 84 11.76 3.59 -1.63
C ILE C 84 12.70 2.39 -1.66
N ASP C 85 13.35 2.22 -2.80
CA ASP C 85 14.19 1.06 -3.10
C ASP C 85 15.41 0.93 -2.21
N GLU C 86 15.89 -0.31 -2.08
CA GLU C 86 17.05 -0.66 -1.28
C GLU C 86 18.31 0.08 -1.71
N ASP C 87 18.49 0.26 -3.01
CA ASP C 87 19.69 0.88 -3.58
C ASP C 87 19.51 2.37 -3.91
N TYR C 88 18.45 2.97 -3.38
CA TYR C 88 18.20 4.40 -3.56
C TYR C 88 19.09 5.23 -2.65
N ARG C 89 19.80 6.19 -3.23
CA ARG C 89 20.71 7.06 -2.48
C ARG C 89 20.32 8.54 -2.51
N GLY C 90 19.22 8.85 -3.20
CA GLY C 90 18.78 10.23 -3.36
C GLY C 90 17.89 10.71 -2.22
N ASN C 91 17.47 11.97 -2.31
CA ASN C 91 16.53 12.59 -1.38
C ASN C 91 15.24 11.78 -1.36
N ILE C 92 14.74 11.43 -0.17
CA ILE C 92 13.43 10.77 -0.07
C ILE C 92 12.31 11.82 -0.20
N GLY C 93 11.46 11.64 -1.20
CA GLY C 93 10.34 12.56 -1.41
C GLY C 93 9.02 11.91 -1.05
N VAL C 94 8.06 12.72 -0.58
CA VAL C 94 6.71 12.22 -0.27
C VAL C 94 5.69 12.88 -1.18
N ILE C 95 4.85 12.06 -1.81
CA ILE C 95 3.78 12.56 -2.66
C ILE C 95 2.48 12.65 -1.85
N LEU C 96 2.21 13.85 -1.34
CA LEU C 96 0.94 14.13 -0.67
C LEU C 96 -0.13 14.46 -1.71
N ILE C 97 -1.22 13.71 -1.68
CA ILE C 97 -2.36 13.97 -2.54
C ILE C 97 -3.44 14.61 -1.68
N ASN C 98 -3.92 15.77 -2.11
CA ASN C 98 -5.01 16.45 -1.43
C ASN C 98 -6.35 16.12 -2.09
N ASN C 99 -7.04 15.14 -1.53
CA ASN C 99 -8.36 14.78 -2.04
C ASN C 99 -9.50 15.42 -1.25
N GLY C 100 -9.13 16.19 -0.22
CA GLY C 100 -10.09 16.94 0.58
C GLY C 100 -10.60 18.17 -0.16
N LYS C 101 -11.39 19.00 0.52
CA LYS C 101 -12.08 20.11 -0.14
C LYS C 101 -11.44 21.47 0.15
N CYS C 102 -10.44 21.47 1.03
CA CYS C 102 -9.75 22.68 1.44
C CYS C 102 -8.25 22.59 1.18
N THR C 103 -7.62 23.75 1.01
CA THR C 103 -6.16 23.84 0.87
C THR C 103 -5.47 23.27 2.10
N PHE C 104 -4.56 22.34 1.88
CA PHE C 104 -3.81 21.72 2.96
C PHE C 104 -2.45 22.39 3.06
N ASN C 105 -2.11 22.87 4.25
CA ASN C 105 -0.84 23.56 4.46
C ASN C 105 0.23 22.66 5.06
N VAL C 106 1.39 22.63 4.43
CA VAL C 106 2.53 21.84 4.91
C VAL C 106 3.62 22.76 5.48
N ASN C 107 3.84 22.70 6.78
CA ASN C 107 4.89 23.50 7.42
C ASN C 107 6.17 22.70 7.59
N THR C 108 7.31 23.40 7.54
CA THR C 108 8.61 22.78 7.82
C THR C 108 8.55 22.16 9.22
N GLY C 109 8.74 20.84 9.28
CA GLY C 109 8.71 20.11 10.54
C GLY C 109 7.49 19.22 10.71
N ASP C 110 6.42 19.51 9.98
CA ASP C 110 5.19 18.71 10.05
C ASP C 110 5.44 17.25 9.65
N ARG C 111 4.97 16.32 10.47
CA ARG C 111 4.92 14.92 10.09
C ARG C 111 3.95 14.80 8.93
N ILE C 112 4.36 14.07 7.90
CA ILE C 112 3.60 14.01 6.64
C ILE C 112 3.30 12.57 6.21
N ALA C 113 4.06 11.62 6.74
CA ALA C 113 4.00 10.22 6.33
C ALA C 113 4.82 9.37 7.28
N GLN C 114 4.81 8.06 7.05
CA GLN C 114 5.61 7.12 7.84
C GLN C 114 6.32 6.10 6.94
N LEU C 115 7.65 6.04 7.08
CA LEU C 115 8.42 5.03 6.36
C LEU C 115 8.31 3.70 7.09
N ILE C 116 7.93 2.66 6.33
CA ILE C 116 7.86 1.31 6.87
C ILE C 116 8.86 0.42 6.12
N TYR C 117 9.76 -0.20 6.87
CA TYR C 117 10.73 -1.12 6.28
C TYR C 117 10.09 -2.49 6.12
N GLN C 118 9.62 -2.77 4.91
CA GLN C 118 8.90 -4.01 4.65
C GLN C 118 9.78 -5.10 4.06
N ARG C 119 9.71 -6.28 4.67
CA ARG C 119 10.51 -7.43 4.24
C ARG C 119 9.99 -8.06 2.95
N ILE C 120 10.91 -8.29 2.02
CA ILE C 120 10.54 -8.73 0.67
C ILE C 120 11.43 -9.85 0.14
N TYR C 121 11.03 -10.41 -0.99
CA TYR C 121 11.84 -11.40 -1.70
C TYR C 121 12.37 -10.84 -3.00
N TYR C 122 13.52 -11.36 -3.43
CA TYR C 122 14.07 -11.10 -4.76
C TYR C 122 14.28 -12.42 -5.51
N PRO C 123 13.18 -13.05 -5.96
CA PRO C 123 13.37 -14.33 -6.63
C PRO C 123 13.85 -14.18 -8.08
N GLU C 124 14.53 -15.21 -8.56
CA GLU C 124 14.88 -15.32 -9.97
C GLU C 124 13.59 -15.70 -10.70
N LEU C 125 13.37 -15.16 -11.89
CA LEU C 125 12.21 -15.57 -12.68
C LEU C 125 12.60 -16.51 -13.82
N GLU C 126 11.78 -17.55 -14.01
CA GLU C 126 11.96 -18.54 -15.08
C GLU C 126 10.63 -18.72 -15.82
N GLU C 127 10.67 -18.65 -17.16
CA GLU C 127 9.44 -18.78 -17.95
C GLU C 127 9.05 -20.24 -18.19
N VAL C 128 7.79 -20.55 -17.91
CA VAL C 128 7.23 -21.89 -18.13
C VAL C 128 5.95 -21.82 -18.97
N GLN C 129 5.44 -22.98 -19.38
CA GLN C 129 4.25 -23.03 -20.23
C GLN C 129 3.00 -23.49 -19.48
N SER C 130 3.21 -24.18 -18.36
CA SER C 130 2.12 -24.63 -17.50
C SER C 130 2.52 -24.43 -16.03
N LEU C 131 1.54 -24.09 -15.19
CA LEU C 131 1.79 -23.96 -13.75
C LEU C 131 1.32 -25.17 -12.95
CL CL D . 2.23 -2.62 1.65
O4 DUP E . -7.02 2.86 8.79
C4 DUP E . -6.67 2.79 9.99
C5 DUP E . -5.37 3.16 10.33
C6 DUP E . -4.99 3.09 11.67
N3 DUP E . -7.52 2.35 10.94
C2 DUP E . -7.15 2.28 12.24
O2 DUP E . -7.98 1.86 13.09
N1 DUP E . -5.84 2.66 12.62
C1' DUP E . -5.38 2.58 14.03
C2' DUP E . -4.11 1.74 14.11
C3' DUP E . -3.01 2.70 14.50
O3' DUP E . -2.28 2.15 15.59
O4' DUP E . -5.09 3.87 14.55
C4' DUP E . -3.69 4.01 14.89
C5' DUP E . -3.12 5.19 14.12
O5' DUP E . -2.35 6.04 14.99
PA DUP E . -2.93 7.41 15.62
O1A DUP E . -4.41 7.21 15.84
O2A DUP E . -2.07 7.72 16.82
N3A DUP E . -2.72 8.66 14.53
PB DUP E . -1.23 9.39 14.37
O1B DUP E . -1.26 10.26 13.14
O2B DUP E . -0.84 10.03 15.69
O3B DUP E . -0.17 8.20 14.13
PG DUP E . -0.18 7.34 12.77
O2G DUP E . 0.08 5.92 13.20
O1G DUP E . -1.56 7.52 12.19
O3G DUP E . 0.93 7.97 11.97
MG MG F . 12.58 1.11 -10.43
O4 DUP G . -5.17 -5.54 -8.86
C4 DUP G . -5.52 -6.75 -8.79
C5 DUP G . -6.23 -7.20 -7.68
C6 DUP G . -6.60 -8.54 -7.61
N3 DUP G . -5.19 -7.60 -9.78
C2 DUP G . -5.54 -8.90 -9.71
O2 DUP G . -5.21 -9.66 -10.64
N1 DUP G . -6.26 -9.39 -8.60
C1' DUP G . -6.65 -10.81 -8.52
C2' DUP G . -6.08 -11.50 -7.28
C3' DUP G . -7.28 -12.02 -6.54
O3' DUP G . -7.07 -13.40 -6.19
O4' DUP G . -8.08 -10.94 -8.48
C4' DUP G . -8.46 -11.91 -7.49
C5' DUP G . -9.73 -11.47 -6.78
O5' DUP G . -10.54 -12.61 -6.46
PA DUP G . -11.92 -12.50 -5.62
O1A DUP G . -13.02 -13.13 -6.45
O2A DUP G . -11.66 -13.08 -4.25
N3A DUP G . -12.31 -10.88 -5.48
PB DUP G . -12.93 -10.33 -4.04
O1B DUP G . -13.35 -8.88 -4.26
O2B DUP G . -13.97 -11.32 -3.58
O3B DUP G . -11.74 -10.36 -2.93
PG DUP G . -10.18 -10.08 -3.23
O2G DUP G . -10.14 -9.18 -4.44
O1G DUP G . -9.67 -9.41 -1.98
O3G DUP G . -9.58 -11.46 -3.45
O4 DUP H . 7.13 8.45 -3.52
C4 DUP H . 8.30 8.23 -3.87
C5 DUP H . 8.60 7.23 -4.79
C6 DUP H . 9.93 7.01 -5.16
N3 DUP H . 9.30 8.98 -3.34
C2 DUP H . 10.59 8.77 -3.69
O2 DUP H . 11.47 9.49 -3.17
N1 DUP H . 10.91 7.75 -4.63
C1' DUP H . 12.31 7.52 -5.00
C2' DUP H . 12.76 6.25 -4.30
C3' DUP H . 12.90 5.22 -5.40
O3' DUP H . 14.01 4.36 -5.12
O4' DUP H . 12.49 7.31 -6.41
C4' DUP H . 13.11 6.04 -6.67
C5' DUP H . 12.48 5.37 -7.88
O5' DUP H . 12.82 6.08 -9.08
PA DUP H . 12.43 5.48 -10.54
O1A DUP H . 11.25 6.29 -11.04
O2A DUP H . 13.69 5.51 -11.38
N3A DUP H . 11.93 3.89 -10.37
PB DUP H . 10.33 3.44 -10.08
O1B DUP H . 10.34 2.20 -9.22
O2B DUP H . 9.55 4.62 -9.56
O3B DUP H . 9.64 3.02 -11.49
PG DUP H . 10.49 2.78 -12.84
O2G DUP H . 10.65 4.18 -13.40
O1G DUP H . 11.78 2.12 -12.38
O3G DUP H . 9.61 1.87 -13.67
C1 EDO I . -5.13 13.47 -7.42
O1 EDO I . -6.43 13.88 -7.00
C2 EDO I . -4.31 14.68 -7.79
O2 EDO I . -3.20 14.26 -8.61
#